data_4HHV
#
_entry.id   4HHV
#
_cell.length_a   48.131
_cell.length_b   54.979
_cell.length_c   98.988
_cell.angle_alpha   90.000
_cell.angle_beta   90.000
_cell.angle_gamma   90.000
#
_symmetry.space_group_name_H-M   'P 21 21 21'
#
loop_
_entity.id
_entity.type
_entity.pdbx_description
1 polymer 'Collagen type IV alpha-3-binding protein'
2 non-polymer 'SULFATE ION'
3 non-polymer GLYCEROL
4 non-polymer 'CHLORIDE ION'
5 non-polymer 'ACETATE ION'
6 water water
#
_entity_poly.entity_id   1
_entity_poly.type   'polypeptide(L)'
_entity_poly.pdbx_seq_one_letter_code
;GEFSGPPVERCGVLSKWTNYIHGWQDRWVVLKNNALSYYKSEDETEYGCRGSICLSKAVITPHDFDECRFDISVNDSVWY
LRAQDPDHRQQWIDAIEQHKTESGY
;
_entity_poly.pdbx_strand_id   A,B
#
# COMPACT_ATOMS: atom_id res chain seq x y z
N PHE A 3 -25.32 0.85 5.19
CA PHE A 3 -23.88 1.27 5.19
C PHE A 3 -23.70 2.44 4.22
N SER A 4 -23.46 3.63 4.74
CA SER A 4 -23.49 4.81 3.91
C SER A 4 -22.18 5.61 3.87
N GLY A 5 -21.28 5.40 4.83
CA GLY A 5 -20.02 6.22 4.89
C GLY A 5 -18.99 5.59 3.99
N PRO A 6 -17.78 6.17 3.92
CA PRO A 6 -16.75 5.65 3.04
C PRO A 6 -16.34 4.24 3.46
N PRO A 7 -15.89 3.44 2.51
CA PRO A 7 -15.49 2.08 2.86
C PRO A 7 -14.28 2.05 3.81
N VAL A 8 -14.23 0.94 4.58
CA VAL A 8 -13.17 0.73 5.51
C VAL A 8 -11.98 0.20 4.73
N GLU A 9 -10.88 0.92 4.68
CA GLU A 9 -9.68 0.49 3.90
C GLU A 9 -8.46 0.62 4.83
N ARG A 10 -7.47 -0.26 4.62
CA ARG A 10 -6.27 -0.32 5.49
C ARG A 10 -5.11 -0.75 4.64
N CYS A 11 -3.91 -0.28 4.98
CA CYS A 11 -2.72 -0.84 4.39
C CYS A 11 -1.63 -0.77 5.46
N GLY A 12 -0.74 -1.73 5.44
CA GLY A 12 0.33 -1.69 6.45
C GLY A 12 1.17 -2.94 6.35
N VAL A 13 2.23 -3.01 7.15
CA VAL A 13 3.03 -4.20 7.22
C VAL A 13 2.44 -5.21 8.21
N LEU A 14 2.43 -6.48 7.79
CA LEU A 14 2.16 -7.62 8.71
C LEU A 14 3.17 -8.70 8.39
N SER A 15 3.53 -9.53 9.38
CA SER A 15 4.38 -10.68 9.13
C SER A 15 3.49 -11.78 8.62
N LYS A 16 3.97 -12.49 7.62
CA LYS A 16 3.23 -13.60 7.03
C LYS A 16 4.07 -14.86 7.04
N TRP A 17 3.45 -15.95 7.43
CA TRP A 17 4.13 -17.27 7.41
C TRP A 17 4.46 -17.66 6.02
N THR A 18 5.72 -18.01 5.80
CA THR A 18 6.17 -18.56 4.51
C THR A 18 6.33 -20.11 4.62
N ASN A 19 7.44 -20.57 5.17
CA ASN A 19 7.74 -21.99 5.40
C ASN A 19 8.70 -22.10 6.55
N TYR A 20 9.13 -23.32 6.90
N TYR A 20 9.13 -23.32 6.87
CA TYR A 20 10.03 -23.48 8.08
CA TYR A 20 10.02 -23.56 7.99
C TYR A 20 11.47 -23.02 7.81
C TYR A 20 11.42 -22.94 7.81
N ILE A 21 11.82 -22.71 6.58
CA ILE A 21 13.15 -22.13 6.33
C ILE A 21 13.12 -20.64 6.63
N HIS A 22 12.21 -19.92 6.00
CA HIS A 22 12.22 -18.47 6.07
C HIS A 22 11.28 -17.91 7.08
N GLY A 23 10.41 -18.75 7.64
CA GLY A 23 9.50 -18.40 8.76
C GLY A 23 8.63 -17.17 8.48
N TRP A 24 8.46 -16.34 9.49
CA TRP A 24 7.69 -15.11 9.35
C TRP A 24 8.44 -14.04 8.56
N GLN A 25 7.81 -13.53 7.52
CA GLN A 25 8.41 -12.53 6.62
C GLN A 25 7.43 -11.37 6.49
N ASP A 26 7.94 -10.16 6.55
CA ASP A 26 7.10 -8.99 6.47
C ASP A 26 6.59 -8.76 5.07
N ARG A 27 5.33 -8.43 5.01
CA ARG A 27 4.65 -8.14 3.77
C ARG A 27 3.82 -6.87 3.89
N TRP A 28 3.63 -6.19 2.74
CA TRP A 28 2.73 -5.06 2.69
C TRP A 28 1.35 -5.63 2.39
N VAL A 29 0.41 -5.39 3.28
CA VAL A 29 -0.94 -5.94 3.23
C VAL A 29 -1.96 -4.83 3.05
N VAL A 30 -2.95 -5.06 2.19
CA VAL A 30 -3.95 -4.10 1.83
C VAL A 30 -5.37 -4.71 1.95
N LEU A 31 -6.25 -4.01 2.64
CA LEU A 31 -7.69 -4.30 2.72
C LEU A 31 -8.42 -3.28 1.88
N LYS A 32 -9.04 -3.73 0.79
CA LYS A 32 -9.71 -2.83 -0.11
C LYS A 32 -10.65 -3.63 -0.97
N ASN A 33 -11.82 -3.09 -1.26
CA ASN A 33 -12.72 -3.65 -2.31
C ASN A 33 -13.02 -5.12 -2.14
N ASN A 34 -13.34 -5.49 -0.90
CA ASN A 34 -13.76 -6.87 -0.55
C ASN A 34 -12.66 -7.93 -0.73
N ALA A 35 -11.41 -7.48 -0.64
CA ALA A 35 -10.26 -8.41 -0.76
C ALA A 35 -9.19 -8.05 0.22
N LEU A 36 -8.47 -9.04 0.73
CA LEU A 36 -7.22 -8.80 1.46
C LEU A 36 -6.14 -9.24 0.48
N SER A 37 -5.18 -8.36 0.22
N SER A 37 -5.15 -8.37 0.28
CA SER A 37 -4.11 -8.68 -0.70
CA SER A 37 -4.11 -8.59 -0.67
C SER A 37 -2.75 -8.38 -0.06
C SER A 37 -2.75 -8.38 -0.05
N TYR A 38 -1.71 -8.97 -0.63
CA TYR A 38 -0.36 -8.65 -0.15
C TYR A 38 0.66 -8.51 -1.30
N TYR A 39 1.69 -7.74 -1.01
CA TYR A 39 2.64 -7.28 -1.99
C TYR A 39 4.03 -7.68 -1.57
N LYS A 40 4.87 -8.01 -2.55
CA LYS A 40 6.23 -8.37 -2.32
C LYS A 40 7.08 -7.65 -3.36
N SER A 41 8.37 -7.55 -3.04
CA SER A 41 9.38 -7.03 -3.95
C SER A 41 10.61 -7.93 -3.92
N GLU A 42 11.28 -8.07 -5.06
CA GLU A 42 12.59 -8.73 -5.11
C GLU A 42 13.78 -7.83 -4.95
N ASP A 43 13.60 -6.53 -4.83
CA ASP A 43 14.72 -5.58 -4.86
C ASP A 43 14.50 -4.45 -3.87
N GLU A 44 13.54 -4.63 -2.96
CA GLU A 44 13.19 -3.66 -1.95
C GLU A 44 12.71 -2.32 -2.49
N THR A 45 12.25 -2.31 -3.74
CA THR A 45 11.96 -1.05 -4.45
C THR A 45 10.62 -1.11 -5.19
N GLU A 46 10.52 -2.11 -6.07
CA GLU A 46 9.34 -2.31 -6.93
C GLU A 46 8.53 -3.45 -6.39
N TYR A 47 7.23 -3.22 -6.23
CA TYR A 47 6.35 -4.19 -5.59
C TYR A 47 5.31 -4.69 -6.55
N GLY A 48 4.72 -5.83 -6.24
CA GLY A 48 3.63 -6.35 -7.02
C GLY A 48 2.73 -7.21 -6.13
N CYS A 49 1.46 -7.31 -6.49
CA CYS A 49 0.53 -8.08 -5.66
C CYS A 49 0.76 -9.57 -5.88
N ARG A 50 1.09 -10.32 -4.84
CA ARG A 50 1.43 -11.73 -4.95
C ARG A 50 0.33 -12.62 -4.39
N GLY A 51 -0.73 -12.04 -3.86
CA GLY A 51 -1.85 -12.86 -3.41
C GLY A 51 -3.10 -12.01 -3.10
N SER A 52 -4.26 -12.58 -3.31
CA SER A 52 -5.54 -11.94 -3.00
C SER A 52 -6.53 -12.96 -2.51
N ILE A 53 -7.25 -12.61 -1.46
N ILE A 53 -7.28 -12.57 -1.50
CA ILE A 53 -8.35 -13.40 -0.93
CA ILE A 53 -8.30 -13.39 -0.90
C ILE A 53 -9.60 -12.53 -0.97
C ILE A 53 -9.62 -12.61 -0.82
N CYS A 54 -10.65 -13.09 -1.53
CA CYS A 54 -11.99 -12.50 -1.52
C CYS A 54 -12.60 -12.73 -0.13
N LEU A 55 -13.15 -11.67 0.45
CA LEU A 55 -13.64 -11.78 1.80
C LEU A 55 -15.01 -12.36 2.00
N SER A 56 -15.79 -12.51 0.93
CA SER A 56 -17.19 -12.89 1.09
C SER A 56 -17.43 -14.07 2.02
N LYS A 57 -16.63 -15.10 1.89
CA LYS A 57 -16.78 -16.31 2.70
C LYS A 57 -15.54 -16.58 3.54
N ALA A 58 -14.68 -15.56 3.68
CA ALA A 58 -13.44 -15.72 4.45
C ALA A 58 -13.71 -15.92 5.92
N VAL A 59 -12.90 -16.75 6.56
CA VAL A 59 -12.98 -16.99 7.99
C VAL A 59 -11.70 -16.40 8.61
N ILE A 60 -11.87 -15.57 9.60
CA ILE A 60 -10.76 -14.91 10.30
C ILE A 60 -10.67 -15.52 11.67
N THR A 61 -9.55 -16.17 12.01
CA THR A 61 -9.42 -16.92 13.22
C THR A 61 -8.27 -16.31 14.05
N PRO A 62 -8.60 -15.52 15.09
CA PRO A 62 -7.53 -15.03 15.96
C PRO A 62 -7.01 -16.22 16.73
N HIS A 63 -5.71 -16.28 16.91
CA HIS A 63 -5.08 -17.40 17.67
C HIS A 63 -5.25 -17.17 19.13
N ASP A 64 -5.45 -18.28 19.89
CA ASP A 64 -5.74 -18.22 21.29
C ASP A 64 -4.48 -17.92 22.12
N PHE A 65 -3.34 -18.40 21.68
CA PHE A 65 -2.10 -18.30 22.43
C PHE A 65 -1.15 -17.28 21.85
N ASP A 66 -1.01 -17.28 20.53
CA ASP A 66 -0.22 -16.28 19.86
C ASP A 66 -1.18 -15.14 19.62
N GLU A 67 -1.22 -14.21 20.55
CA GLU A 67 -2.23 -13.12 20.47
C GLU A 67 -1.85 -12.03 19.48
N CYS A 68 -0.70 -12.16 18.82
CA CYS A 68 -0.33 -11.29 17.71
C CYS A 68 -0.87 -11.84 16.39
N ARG A 69 -1.30 -13.12 16.38
CA ARG A 69 -1.61 -13.85 15.13
C ARG A 69 -3.08 -13.96 14.84
N PHE A 70 -3.40 -13.78 13.56
CA PHE A 70 -4.69 -14.17 13.04
C PHE A 70 -4.51 -14.87 11.70
N ASP A 71 -5.39 -15.81 11.42
CA ASP A 71 -5.33 -16.57 10.17
C ASP A 71 -6.53 -16.20 9.37
N ILE A 72 -6.36 -16.10 8.05
N ILE A 72 -6.35 -16.10 8.06
CA ILE A 72 -7.51 -15.83 7.17
CA ILE A 72 -7.50 -15.84 7.18
C ILE A 72 -7.56 -16.95 6.15
C ILE A 72 -7.56 -16.96 6.16
N SER A 73 -8.73 -17.56 6.02
CA SER A 73 -8.88 -18.67 5.20
C SER A 73 -10.14 -18.60 4.36
N VAL A 74 -10.01 -19.06 3.16
CA VAL A 74 -11.19 -19.51 2.42
C VAL A 74 -11.00 -21.02 2.19
N ASN A 75 -12.00 -21.71 1.70
CA ASN A 75 -11.89 -23.17 1.52
C ASN A 75 -10.55 -23.65 0.88
N ASP A 76 -9.94 -22.84 0.01
CA ASP A 76 -8.79 -23.25 -0.82
C ASP A 76 -7.42 -22.74 -0.37
N SER A 77 -7.39 -21.81 0.57
CA SER A 77 -6.12 -21.20 0.94
C SER A 77 -6.19 -20.55 2.33
N VAL A 78 -5.01 -20.44 2.98
CA VAL A 78 -4.93 -19.86 4.32
C VAL A 78 -3.66 -19.02 4.41
N TRP A 79 -3.80 -17.84 4.96
CA TRP A 79 -2.66 -17.02 5.28
C TRP A 79 -2.60 -16.91 6.78
N TYR A 80 -1.38 -17.05 7.31
CA TYR A 80 -1.12 -16.89 8.71
C TYR A 80 -0.35 -15.58 8.87
N LEU A 81 -0.95 -14.67 9.64
CA LEU A 81 -0.49 -13.27 9.78
C LEU A 81 -0.24 -12.83 11.23
N ARG A 82 0.83 -12.09 11.45
CA ARG A 82 1.09 -11.53 12.80
C ARG A 82 1.22 -10.04 12.69
N ALA A 83 0.54 -9.36 13.59
CA ALA A 83 0.76 -7.96 13.84
C ALA A 83 1.85 -7.84 14.94
N GLN A 84 2.26 -6.61 15.25
CA GLN A 84 3.34 -6.40 16.17
C GLN A 84 2.93 -6.61 17.63
N ASP A 85 1.62 -6.47 17.89
CA ASP A 85 1.04 -6.70 19.21
C ASP A 85 -0.45 -7.00 19.09
N PRO A 86 -1.07 -7.40 20.22
CA PRO A 86 -2.48 -7.79 20.09
C PRO A 86 -3.44 -6.64 19.77
N ASP A 87 -3.11 -5.44 20.24
CA ASP A 87 -3.96 -4.27 19.92
C ASP A 87 -3.97 -4.08 18.42
N HIS A 88 -2.80 -4.14 17.76
CA HIS A 88 -2.74 -3.98 16.30
C HIS A 88 -3.41 -5.14 15.60
N ARG A 89 -3.32 -6.33 16.20
CA ARG A 89 -4.07 -7.46 15.62
C ARG A 89 -5.55 -7.15 15.60
N GLN A 90 -6.06 -6.65 16.71
CA GLN A 90 -7.49 -6.40 16.84
C GLN A 90 -7.92 -5.36 15.85
N GLN A 91 -7.10 -4.33 15.64
CA GLN A 91 -7.45 -3.28 14.66
C GLN A 91 -7.65 -3.92 13.27
N TRP A 92 -6.75 -4.81 12.89
CA TRP A 92 -6.89 -5.52 11.61
C TRP A 92 -8.11 -6.41 11.54
N ILE A 93 -8.35 -7.21 12.58
CA ILE A 93 -9.48 -8.09 12.59
C ILE A 93 -10.78 -7.30 12.44
N ASP A 94 -10.89 -6.24 13.24
CA ASP A 94 -12.09 -5.45 13.26
C ASP A 94 -12.36 -4.79 11.93
N ALA A 95 -11.31 -4.27 11.29
CA ALA A 95 -11.45 -3.65 9.97
C ALA A 95 -11.90 -4.66 8.93
N ILE A 96 -11.27 -5.84 8.92
CA ILE A 96 -11.62 -6.87 7.95
C ILE A 96 -13.07 -7.31 8.11
N GLU A 97 -13.49 -7.53 9.35
CA GLU A 97 -14.83 -8.02 9.59
C GLU A 97 -15.86 -6.98 9.23
N GLN A 98 -15.59 -5.70 9.54
CA GLN A 98 -16.49 -4.61 9.15
C GLN A 98 -16.57 -4.46 7.61
N HIS A 99 -15.44 -4.52 6.94
CA HIS A 99 -15.40 -4.42 5.51
C HIS A 99 -16.13 -5.55 4.84
N LYS A 100 -15.90 -6.75 5.35
CA LYS A 100 -16.63 -7.92 4.82
C LYS A 100 -18.16 -7.68 4.89
N THR A 101 -18.64 -7.24 6.03
CA THR A 101 -20.10 -6.98 6.20
C THR A 101 -20.58 -5.94 5.21
N GLU A 102 -19.88 -4.81 5.18
CA GLU A 102 -20.28 -3.68 4.35
C GLU A 102 -20.23 -3.98 2.85
N SER A 103 -19.39 -4.93 2.45
CA SER A 103 -19.28 -5.30 1.01
C SER A 103 -20.29 -6.32 0.57
N GLY A 104 -21.02 -6.88 1.53
CA GLY A 104 -22.01 -7.89 1.27
C GLY A 104 -23.34 -7.36 0.72
N TYR A 105 -24.32 -8.25 0.62
CA TYR A 105 -25.59 -7.95 -0.06
C TYR A 105 -26.88 -7.92 0.79
N SER B 4 -15.68 2.74 -13.76
CA SER B 4 -16.45 1.49 -13.56
C SER B 4 -15.51 0.26 -13.37
N GLY B 5 -14.19 0.46 -13.41
CA GLY B 5 -13.22 -0.64 -13.15
C GLY B 5 -12.59 -0.47 -11.76
N PRO B 6 -11.68 -1.38 -11.37
CA PRO B 6 -11.06 -1.30 -10.05
C PRO B 6 -10.24 -0.01 -9.91
N PRO B 7 -10.13 0.48 -8.70
CA PRO B 7 -9.34 1.68 -8.50
C PRO B 7 -7.85 1.46 -8.75
N VAL B 8 -7.17 2.57 -9.03
CA VAL B 8 -5.73 2.51 -9.19
C VAL B 8 -5.11 2.43 -7.81
N GLU B 9 -4.07 1.62 -7.66
CA GLU B 9 -3.30 1.49 -6.42
C GLU B 9 -1.82 1.49 -6.79
N ARG B 10 -0.96 2.01 -5.92
CA ARG B 10 0.46 1.84 -6.17
C ARG B 10 1.24 2.11 -4.89
N CYS B 11 2.29 1.33 -4.67
CA CYS B 11 3.19 1.58 -3.57
C CYS B 11 4.57 1.15 -4.04
N GLY B 12 5.57 1.77 -3.45
CA GLY B 12 6.95 1.38 -3.75
C GLY B 12 7.92 2.42 -3.25
N VAL B 13 9.21 2.15 -3.45
CA VAL B 13 10.27 3.13 -3.11
C VAL B 13 10.56 4.02 -4.31
N LEU B 14 10.63 5.32 -4.04
CA LEU B 14 11.12 6.29 -5.01
C LEU B 14 12.26 7.08 -4.33
N SER B 15 13.21 7.57 -5.12
CA SER B 15 14.19 8.53 -4.60
C SER B 15 13.57 9.93 -4.67
N LYS B 16 13.67 10.67 -3.59
CA LYS B 16 13.03 11.97 -3.49
C LYS B 16 14.05 13.03 -3.11
N TRP B 17 14.01 14.13 -3.81
CA TRP B 17 14.80 15.29 -3.42
C TRP B 17 14.41 15.83 -2.06
N THR B 18 15.36 15.94 -1.14
CA THR B 18 15.12 16.46 0.16
C THR B 18 15.52 17.98 0.15
N ASN B 19 16.81 18.25 0.22
CA ASN B 19 17.37 19.60 0.10
C ASN B 19 18.83 19.45 -0.31
N TYR B 20 19.58 20.55 -0.35
CA TYR B 20 20.99 20.43 -0.73
C TYR B 20 21.86 19.79 0.35
N ILE B 21 21.36 19.67 1.58
CA ILE B 21 22.16 19.06 2.65
C ILE B 21 22.18 17.55 2.47
N HIS B 22 21.01 16.96 2.26
CA HIS B 22 20.89 15.50 2.14
C HIS B 22 20.63 14.99 0.76
N GLY B 23 20.32 15.87 -0.18
CA GLY B 23 20.10 15.48 -1.60
C GLY B 23 18.98 14.48 -1.83
N TRP B 24 19.20 13.52 -2.72
CA TRP B 24 18.18 12.51 -3.01
C TRP B 24 18.20 11.43 -1.95
N GLN B 25 17.01 11.06 -1.46
CA GLN B 25 16.89 10.03 -0.43
C GLN B 25 15.70 9.12 -0.74
N ASP B 26 15.83 7.83 -0.42
CA ASP B 26 14.77 6.91 -0.70
C ASP B 26 13.62 7.14 0.27
N ARG B 27 12.41 7.07 -0.27
CA ARG B 27 11.19 7.19 0.49
C ARG B 27 10.18 6.17 0.05
N TRP B 28 9.32 5.77 0.96
CA TRP B 28 8.20 4.88 0.63
C TRP B 28 7.04 5.75 0.20
N VAL B 29 6.47 5.47 -0.99
CA VAL B 29 5.43 6.29 -1.56
C VAL B 29 4.18 5.45 -1.82
N VAL B 30 3.02 6.00 -1.43
CA VAL B 30 1.75 5.31 -1.56
C VAL B 30 0.75 6.21 -2.27
N LEU B 31 0.07 5.65 -3.26
CA LEU B 31 -0.99 6.32 -4.05
C LEU B 31 -2.33 5.79 -3.56
N LYS B 32 -3.10 6.66 -2.92
CA LYS B 32 -4.41 6.30 -2.40
C LYS B 32 -5.13 7.56 -1.96
N ASN B 33 -6.43 7.43 -1.82
CA ASN B 33 -7.24 8.49 -1.26
C ASN B 33 -7.07 9.84 -1.97
N ASN B 34 -6.95 9.83 -3.29
CA ASN B 34 -6.77 11.06 -4.11
C ASN B 34 -5.53 11.81 -3.69
N ALA B 35 -4.49 11.05 -3.29
CA ALA B 35 -3.27 11.64 -2.80
C ALA B 35 -2.06 10.76 -3.11
N LEU B 36 -0.90 11.40 -3.17
CA LEU B 36 0.36 10.70 -3.10
C LEU B 36 0.99 11.06 -1.75
N SER B 37 1.29 10.04 -0.95
CA SER B 37 1.78 10.20 0.38
C SER B 37 3.14 9.56 0.48
N TYR B 38 4.02 10.08 1.33
CA TYR B 38 5.30 9.46 1.47
C TYR B 38 5.73 9.39 2.92
N TYR B 39 6.63 8.45 3.17
CA TYR B 39 7.08 8.04 4.50
C TYR B 39 8.57 7.76 4.43
N LYS B 40 9.22 7.68 5.57
CA LYS B 40 10.64 7.39 5.48
C LYS B 40 10.93 6.02 4.90
N SER B 41 10.08 5.06 5.25
CA SER B 41 10.19 3.69 4.80
C SER B 41 8.87 2.97 4.92
N GLU B 42 8.84 1.78 4.33
CA GLU B 42 7.67 0.89 4.33
C GLU B 42 7.15 0.58 5.75
N ASP B 43 8.06 0.58 6.70
CA ASP B 43 7.72 0.13 8.05
C ASP B 43 7.24 1.25 8.96
N GLU B 44 7.29 2.45 8.43
CA GLU B 44 7.07 3.65 9.23
C GLU B 44 5.85 4.41 8.76
N THR B 45 4.79 3.69 8.41
CA THR B 45 3.59 4.37 7.96
C THR B 45 2.63 4.70 9.09
N GLU B 46 2.79 4.10 10.26
CA GLU B 46 1.76 4.27 11.27
C GLU B 46 1.75 5.71 11.77
N TYR B 47 2.92 6.19 12.16
CA TYR B 47 3.05 7.53 12.68
C TYR B 47 3.86 8.41 11.78
N GLY B 48 4.46 7.83 10.74
CA GLY B 48 5.50 8.51 9.96
C GLY B 48 5.16 9.17 8.63
N CYS B 49 3.92 9.61 8.39
CA CYS B 49 3.67 10.33 7.13
C CYS B 49 4.48 11.64 7.09
N ARG B 50 5.36 11.81 6.12
CA ARG B 50 6.20 12.98 6.05
C ARG B 50 5.57 14.03 5.12
N GLY B 51 4.60 13.60 4.31
CA GLY B 51 3.86 14.52 3.43
C GLY B 51 2.79 13.84 2.58
N SER B 52 1.87 14.64 2.09
CA SER B 52 0.80 14.13 1.23
C SER B 52 0.49 15.26 0.25
N ILE B 53 0.33 14.89 -1.00
CA ILE B 53 0.01 15.87 -2.08
C ILE B 53 -1.31 15.41 -2.63
N CYS B 54 -2.29 16.29 -2.57
CA CYS B 54 -3.60 16.05 -3.09
C CYS B 54 -3.53 16.09 -4.60
N LEU B 55 -4.13 15.10 -5.25
CA LEU B 55 -4.00 15.01 -6.69
C LEU B 55 -4.97 15.87 -7.52
N SER B 56 -6.01 16.43 -6.90
CA SER B 56 -7.05 17.14 -7.66
C SER B 56 -6.53 18.15 -8.70
N LYS B 57 -5.53 18.93 -8.33
CA LYS B 57 -5.00 19.95 -9.23
C LYS B 57 -3.51 19.73 -9.45
N ALA B 58 -3.04 18.54 -9.13
CA ALA B 58 -1.62 18.22 -9.23
C ALA B 58 -1.18 18.15 -10.69
N VAL B 59 0.00 18.68 -10.96
CA VAL B 59 0.56 18.62 -12.28
C VAL B 59 1.78 17.70 -12.22
N ILE B 60 1.82 16.72 -13.11
CA ILE B 60 2.88 15.68 -13.14
C ILE B 60 3.74 15.87 -14.37
N THR B 61 5.03 16.14 -14.18
CA THR B 61 5.91 16.53 -15.27
C THR B 61 7.09 15.58 -15.38
N PRO B 62 7.10 14.73 -16.41
CA PRO B 62 8.30 13.90 -16.61
C PRO B 62 9.44 14.79 -17.05
N HIS B 63 10.64 14.53 -16.56
CA HIS B 63 11.82 15.32 -16.92
C HIS B 63 12.38 14.91 -18.24
N ASP B 64 12.89 15.89 -18.98
CA ASP B 64 13.45 15.61 -20.30
C ASP B 64 14.89 15.05 -20.30
N PHE B 65 15.68 15.41 -19.31
CA PHE B 65 17.08 14.98 -19.26
C PHE B 65 17.37 13.88 -18.27
N ASP B 66 16.68 13.87 -17.13
CA ASP B 66 16.82 12.84 -16.17
C ASP B 66 15.60 11.92 -16.44
N GLU B 67 15.85 10.88 -17.24
CA GLU B 67 14.78 10.05 -17.79
C GLU B 67 14.11 9.15 -16.73
N CYS B 68 14.65 9.10 -15.51
CA CYS B 68 14.00 8.39 -14.37
C CYS B 68 13.17 9.33 -13.48
N ARG B 69 13.22 10.64 -13.76
CA ARG B 69 12.63 11.68 -12.91
C ARG B 69 11.29 12.18 -13.37
N PHE B 70 10.42 12.41 -12.40
CA PHE B 70 9.18 13.12 -12.61
C PHE B 70 8.91 14.01 -11.42
N ASP B 71 8.31 15.18 -11.69
CA ASP B 71 7.99 16.11 -10.63
C ASP B 71 6.49 16.20 -10.47
N ILE B 72 6.04 16.37 -9.25
N ILE B 72 6.04 16.35 -9.23
CA ILE B 72 4.63 16.60 -8.99
CA ILE B 72 4.63 16.58 -8.97
C ILE B 72 4.46 17.91 -8.21
C ILE B 72 4.46 17.90 -8.21
N SER B 73 3.58 18.76 -8.70
CA SER B 73 3.41 20.09 -8.11
C SER B 73 1.96 20.48 -7.93
N VAL B 74 1.69 21.08 -6.79
CA VAL B 74 0.47 21.82 -6.55
C VAL B 74 0.92 23.23 -6.17
N ASN B 75 0.03 24.19 -6.09
CA ASN B 75 0.41 25.56 -5.74
C ASN B 75 1.55 25.67 -4.70
N ASP B 76 1.39 24.90 -3.63
CA ASP B 76 2.14 25.10 -2.38
C ASP B 76 3.42 24.25 -2.28
N SER B 77 3.61 23.29 -3.17
CA SER B 77 4.76 22.40 -3.05
C SER B 77 5.11 21.68 -4.38
N VAL B 78 6.36 21.26 -4.48
CA VAL B 78 6.81 20.46 -5.63
C VAL B 78 7.64 19.35 -5.04
N TRP B 79 7.40 18.13 -5.51
CA TRP B 79 8.21 16.99 -5.14
C TRP B 79 8.89 16.58 -6.38
N TYR B 80 10.16 16.24 -6.22
CA TYR B 80 10.99 15.77 -7.27
C TYR B 80 11.32 14.34 -6.95
N LEU B 81 10.94 13.46 -7.88
CA LEU B 81 11.02 12.01 -7.68
C LEU B 81 11.73 11.27 -8.77
N ARG B 82 12.49 10.25 -8.42
CA ARG B 82 13.14 9.36 -9.41
C ARG B 82 12.80 7.91 -9.18
N ALA B 83 12.38 7.24 -10.25
CA ALA B 83 12.14 5.81 -10.27
C ALA B 83 13.43 5.10 -10.66
N GLN B 84 13.38 3.78 -10.74
CA GLN B 84 14.57 2.96 -10.97
C GLN B 84 15.03 2.91 -12.43
N ASP B 85 14.08 3.11 -13.32
CA ASP B 85 14.33 3.14 -14.76
C ASP B 85 13.16 3.85 -15.45
N PRO B 86 13.27 4.11 -16.78
CA PRO B 86 12.20 4.89 -17.38
C PRO B 86 10.87 4.13 -17.48
N ASP B 87 10.92 2.81 -17.61
CA ASP B 87 9.66 2.02 -17.63
C ASP B 87 8.90 2.16 -16.33
N HIS B 88 9.61 2.07 -15.20
CA HIS B 88 8.98 2.28 -13.90
C HIS B 88 8.56 3.70 -13.68
N ARG B 89 9.30 4.67 -14.22
CA ARG B 89 8.83 6.02 -14.20
C ARG B 89 7.47 6.15 -14.87
N GLN B 90 7.34 5.55 -16.05
CA GLN B 90 6.10 5.62 -16.79
C GLN B 90 4.96 4.92 -16.08
N GLN B 91 5.24 3.81 -15.39
CA GLN B 91 4.20 3.13 -14.59
C GLN B 91 3.64 4.06 -13.53
N TRP B 92 4.54 4.75 -12.81
CA TRP B 92 4.10 5.70 -11.80
C TRP B 92 3.33 6.86 -12.39
N ILE B 93 3.80 7.46 -13.48
CA ILE B 93 3.10 8.58 -14.06
C ILE B 93 1.70 8.14 -14.49
N ASP B 94 1.66 7.02 -15.17
CA ASP B 94 0.38 6.50 -15.69
C ASP B 94 -0.62 6.19 -14.52
N ALA B 95 -0.13 5.63 -13.42
CA ALA B 95 -0.97 5.32 -12.26
C ALA B 95 -1.52 6.59 -11.64
N ILE B 96 -0.64 7.59 -11.44
CA ILE B 96 -1.04 8.85 -10.80
C ILE B 96 -2.07 9.55 -11.65
N GLU B 97 -1.84 9.59 -12.97
CA GLU B 97 -2.79 10.23 -13.85
C GLU B 97 -4.12 9.51 -13.88
N GLN B 98 -4.11 8.18 -13.94
CA GLN B 98 -5.35 7.39 -13.93
C GLN B 98 -6.13 7.59 -12.59
N HIS B 99 -5.43 7.62 -11.47
CA HIS B 99 -6.03 7.87 -10.15
C HIS B 99 -6.63 9.23 -10.02
N LYS B 100 -5.89 10.23 -10.49
CA LYS B 100 -6.36 11.60 -10.48
C LYS B 100 -7.69 11.72 -11.23
N THR B 101 -7.73 11.17 -12.45
CA THR B 101 -8.93 11.13 -13.26
C THR B 101 -10.10 10.45 -12.56
N GLU B 102 -9.87 9.23 -12.09
N GLU B 102 -9.88 9.21 -12.14
CA GLU B 102 -10.93 8.43 -11.46
CA GLU B 102 -10.93 8.42 -11.52
C GLU B 102 -11.48 9.11 -10.19
C GLU B 102 -11.44 9.04 -10.18
N SER B 103 -10.62 9.81 -9.47
CA SER B 103 -11.03 10.43 -8.19
C SER B 103 -11.88 11.67 -8.42
N GLY B 104 -11.69 12.32 -9.57
CA GLY B 104 -12.60 13.35 -10.03
C GLY B 104 -13.80 12.68 -10.65
#